data_9GF3
#
_entry.id   9GF3
#
_cell.length_a   60.267
_cell.length_b   61.754
_cell.length_c   154.441
_cell.angle_alpha   90.00
_cell.angle_beta   90.00
_cell.angle_gamma   90.00
#
_symmetry.space_group_name_H-M   'P 21 21 21'
#
loop_
_entity.id
_entity.type
_entity.pdbx_description
1 polymer CC-Hept-hen2
2 non-polymer 'FORMIC ACID'
3 non-polymer 'SODIUM ION'
4 non-polymer GLYCEROL
5 non-polymer 'AMMONIUM ION'
6 non-polymer 3,6,9,12,15,18-HEXAOXAICOSANE-1,20-DIOL
7 water water
#
_entity_poly.entity_id   1
_entity_poly.type   'polypeptide(L)'
_entity_poly.pdbx_seq_one_letter_code
;(ACE)GEIAQALKEIAKAAAAALKEIAWALKEIAQALKG(NH2)
;
_entity_poly.pdbx_strand_id   M,N,C,D,E,F,G,H,I,J,K,L,A,B
#
loop_
_chem_comp.id
_chem_comp.type
_chem_comp.name
_chem_comp.formula
ACE non-polymer 'ACETYL GROUP' 'C2 H4 O'
FMT non-polymer 'FORMIC ACID' 'C H2 O2'
GOL non-polymer GLYCEROL 'C3 H8 O3'
NA non-polymer 'SODIUM ION' 'Na 1'
NH2 non-polymer 'AMINO GROUP' 'H2 N'
NH4 non-polymer 'AMMONIUM ION' 'H4 N 1'
P33 non-polymer 3,6,9,12,15,18-HEXAOXAICOSANE-1,20-DIOL 'C14 H30 O8'
#
# COMPACT_ATOMS: atom_id res chain seq x y z
C ACE A 1 1.49 -6.36 12.96
O ACE A 1 0.46 -6.84 13.27
CH3 ACE A 1 2.69 -6.39 13.91
N GLY A 2 1.61 -5.72 11.75
CA GLY A 2 0.46 -5.46 10.93
C GLY A 2 0.00 -6.69 10.15
N GLU A 3 -1.22 -6.64 9.65
CA GLU A 3 -1.85 -7.82 9.07
C GLU A 3 -1.25 -8.15 7.69
N ILE A 4 -0.88 -7.15 6.91
CA ILE A 4 -0.26 -7.42 5.61
C ILE A 4 1.10 -8.06 5.83
N ALA A 5 1.92 -7.51 6.72
CA ALA A 5 3.21 -8.10 7.04
C ALA A 5 3.04 -9.55 7.51
N GLN A 6 2.05 -9.79 8.39
CA GLN A 6 1.83 -11.13 8.91
C GLN A 6 1.48 -12.11 7.78
N ALA A 7 0.61 -11.68 6.86
CA ALA A 7 0.18 -12.54 5.76
C ALA A 7 1.36 -12.80 4.82
N LEU A 8 2.25 -11.82 4.65
CA LEU A 8 3.47 -12.03 3.87
C LEU A 8 4.36 -13.07 4.55
N LYS A 9 4.46 -13.03 5.89
CA LYS A 9 5.29 -13.99 6.60
C LYS A 9 4.70 -15.40 6.47
N GLU A 10 3.38 -15.48 6.35
CA GLU A 10 2.70 -16.74 6.10
C GLU A 10 3.04 -17.31 4.72
N ILE A 11 3.16 -16.45 3.70
CA ILE A 11 3.60 -16.92 2.39
C ILE A 11 5.02 -17.49 2.49
N ALA A 12 5.93 -16.80 3.19
CA ALA A 12 7.31 -17.25 3.31
C ALA A 12 7.34 -18.63 3.97
N LYS A 13 6.57 -18.78 5.04
CA LYS A 13 6.58 -20.00 5.81
C LYS A 13 5.97 -21.17 5.03
N ALA A 14 4.79 -20.94 4.46
CA ALA A 14 4.07 -21.99 3.74
C ALA A 14 4.84 -22.43 2.50
N ALA A 15 5.37 -21.45 1.76
CA ALA A 15 6.12 -21.74 0.55
C ALA A 15 7.38 -22.50 0.90
N ALA A 16 8.15 -22.07 1.90
CA ALA A 16 9.41 -22.71 2.23
C ALA A 16 9.15 -24.16 2.68
N ALA A 17 8.12 -24.38 3.49
CA ALA A 17 7.83 -25.74 3.98
C ALA A 17 7.47 -26.69 2.82
N ALA A 18 6.63 -26.20 1.90
CA ALA A 18 6.20 -27.00 0.78
C ALA A 18 7.37 -27.26 -0.17
N LEU A 19 8.21 -26.24 -0.42
CA LEU A 19 9.37 -26.46 -1.25
C LEU A 19 10.32 -27.49 -0.64
N LYS A 20 10.48 -27.46 0.69
CA LYS A 20 11.31 -28.48 1.35
C LYS A 20 10.74 -29.89 1.19
N GLU A 21 9.43 -30.02 1.12
CA GLU A 21 8.80 -31.32 0.86
C GLU A 21 9.16 -31.79 -0.57
N ILE A 22 9.16 -30.87 -1.53
CA ILE A 22 9.63 -31.22 -2.88
C ILE A 22 11.07 -31.69 -2.83
N ALA A 23 11.94 -31.00 -2.11
CA ALA A 23 13.33 -31.41 -2.01
C ALA A 23 13.48 -32.79 -1.39
N TRP A 24 12.68 -33.10 -0.37
CA TRP A 24 12.74 -34.44 0.23
C TRP A 24 12.27 -35.52 -0.77
N ALA A 25 11.20 -35.26 -1.51
CA ALA A 25 10.73 -36.18 -2.52
C ALA A 25 11.77 -36.41 -3.59
N LEU A 26 12.53 -35.38 -3.96
CA LEU A 26 13.63 -35.55 -4.88
C LEU A 26 14.76 -36.43 -4.33
N LYS A 27 15.06 -36.27 -3.05
CA LYS A 27 16.00 -37.18 -2.41
C LYS A 27 15.46 -38.62 -2.44
N GLU A 28 14.16 -38.82 -2.31
CA GLU A 28 13.58 -40.17 -2.40
C GLU A 28 13.75 -40.77 -3.82
N ILE A 29 13.68 -39.92 -4.87
CA ILE A 29 14.02 -40.37 -6.22
C ILE A 29 15.50 -40.76 -6.32
N ALA A 30 16.39 -39.96 -5.70
CA ALA A 30 17.81 -40.27 -5.79
C ALA A 30 18.07 -41.61 -5.11
N GLN A 31 17.44 -41.80 -3.95
CA GLN A 31 17.57 -43.06 -3.23
C GLN A 31 17.08 -44.27 -4.07
N ALA A 32 15.89 -44.14 -4.68
CA ALA A 32 15.34 -45.18 -5.53
C ALA A 32 16.28 -45.54 -6.67
N LEU A 33 17.00 -44.55 -7.20
CA LEU A 33 17.90 -44.73 -8.30
C LEU A 33 19.16 -45.48 -7.85
N LYS A 34 19.53 -45.32 -6.58
CA LYS A 34 20.72 -45.99 -6.05
C LYS A 34 20.46 -47.48 -5.91
N GLY A 35 19.26 -47.85 -5.43
CA GLY A 35 18.83 -49.23 -5.37
C GLY A 35 18.70 -49.82 -6.76
C ACE B 1 -5.54 0.52 -13.23
O ACE B 1 -6.53 0.12 -13.73
CH3 ACE B 1 -4.60 1.38 -14.02
N GLY B 2 -5.33 0.23 -11.92
CA GLY B 2 -4.17 0.80 -11.25
C GLY B 2 -2.91 0.03 -11.64
N GLU B 3 -1.78 0.73 -11.58
CA GLU B 3 -0.54 0.18 -12.06
C GLU B 3 -0.03 -0.96 -11.18
N ILE B 4 -0.27 -0.91 -9.86
CA ILE B 4 0.13 -2.02 -8.99
C ILE B 4 -0.68 -3.28 -9.31
N ALA B 5 -2.01 -3.16 -9.42
CA ALA B 5 -2.83 -4.28 -9.81
C ALA B 5 -2.41 -4.85 -11.16
N GLN B 6 -2.09 -3.98 -12.13
CA GLN B 6 -1.74 -4.47 -13.44
C GLN B 6 -0.40 -5.23 -13.39
N ALA B 7 0.54 -4.75 -12.58
CA ALA B 7 1.82 -5.44 -12.41
C ALA B 7 1.65 -6.80 -11.75
N LEU B 8 0.71 -6.91 -10.79
CA LEU B 8 0.43 -8.16 -10.13
C LEU B 8 -0.20 -9.15 -11.12
N LYS B 9 -1.12 -8.65 -11.96
CA LYS B 9 -1.66 -9.49 -13.03
C LYS B 9 -0.56 -10.01 -13.97
N GLU B 10 0.46 -9.19 -14.23
CA GLU B 10 1.57 -9.58 -15.09
C GLU B 10 2.36 -10.71 -14.44
N ILE B 11 2.57 -10.66 -13.11
CA ILE B 11 3.19 -11.77 -12.41
C ILE B 11 2.35 -13.04 -12.64
N ALA B 12 1.05 -12.94 -12.40
CA ALA B 12 0.14 -14.06 -12.62
C ALA B 12 0.28 -14.64 -14.02
N LYS B 13 0.26 -13.78 -15.02
CA LYS B 13 0.34 -14.26 -16.40
C LYS B 13 1.71 -14.87 -16.73
N ALA B 14 2.77 -14.14 -16.40
CA ALA B 14 4.10 -14.59 -16.77
C ALA B 14 4.48 -15.89 -16.05
N ALA B 15 4.17 -15.98 -14.76
CA ALA B 15 4.55 -17.16 -13.97
C ALA B 15 3.75 -18.36 -14.43
N ALA B 16 2.46 -18.17 -14.70
CA ALA B 16 1.64 -19.27 -15.16
C ALA B 16 2.10 -19.77 -16.52
N ALA B 17 2.44 -18.87 -17.45
CA ALA B 17 2.86 -19.33 -18.77
C ALA B 17 4.17 -20.12 -18.67
N ALA B 18 5.10 -19.65 -17.85
CA ALA B 18 6.39 -20.33 -17.76
C ALA B 18 6.27 -21.65 -17.01
N LEU B 19 5.38 -21.71 -15.99
CA LEU B 19 5.16 -22.98 -15.33
C LEU B 19 4.52 -24.00 -16.26
N LYS B 20 3.64 -23.56 -17.17
CA LYS B 20 3.06 -24.46 -18.16
CA LYS B 20 3.06 -24.45 -18.16
C LYS B 20 4.14 -25.00 -19.10
N GLU B 21 5.13 -24.18 -19.42
CA GLU B 21 6.26 -24.69 -20.21
C GLU B 21 7.01 -25.78 -19.48
N ILE B 22 7.15 -25.68 -18.14
CA ILE B 22 7.75 -26.76 -17.37
C ILE B 22 6.90 -28.04 -17.46
N ALA B 23 5.58 -27.90 -17.28
CA ALA B 23 4.69 -29.03 -17.41
C ALA B 23 4.82 -29.71 -18.77
N TRP B 24 4.93 -28.92 -19.84
CA TRP B 24 5.06 -29.53 -21.17
C TRP B 24 6.37 -30.33 -21.29
N ALA B 25 7.46 -29.74 -20.79
CA ALA B 25 8.74 -30.44 -20.81
C ALA B 25 8.68 -31.73 -20.03
N LEU B 26 8.00 -31.73 -18.87
CA LEU B 26 7.82 -32.95 -18.10
C LEU B 26 7.02 -34.01 -18.87
N LYS B 27 5.99 -33.60 -19.57
CA LYS B 27 5.30 -34.53 -20.46
C LYS B 27 6.22 -35.08 -21.57
N GLU B 28 7.18 -34.28 -22.06
CA GLU B 28 8.13 -34.80 -23.02
C GLU B 28 9.03 -35.87 -22.40
N ILE B 29 9.38 -35.70 -21.12
CA ILE B 29 10.14 -36.75 -20.42
C ILE B 29 9.29 -38.02 -20.32
N ALA B 30 8.01 -37.87 -20.01
CA ALA B 30 7.12 -39.02 -19.87
C ALA B 30 7.04 -39.77 -21.20
N GLN B 31 6.94 -39.02 -22.30
CA GLN B 31 6.85 -39.63 -23.63
C GLN B 31 8.17 -40.34 -23.99
N ALA B 32 9.30 -39.73 -23.65
CA ALA B 32 10.59 -40.36 -23.90
C ALA B 32 10.72 -41.68 -23.15
N LEU B 33 10.17 -41.75 -21.92
CA LEU B 33 10.25 -42.94 -21.09
C LEU B 33 9.36 -44.06 -21.63
N LYS B 34 8.26 -43.73 -22.31
CA LYS B 34 7.44 -44.74 -22.97
C LYS B 34 8.23 -45.37 -24.12
N GLY B 35 8.94 -44.53 -24.90
CA GLY B 35 9.91 -45.01 -25.87
C ACE C 1 12.39 7.07 -1.04
O ACE C 1 12.55 7.37 -2.21
CH3 ACE C 1 13.45 7.33 0.02
N GLY C 2 11.27 6.48 -0.64
CA GLY C 2 10.33 6.12 -1.68
C GLY C 2 9.41 7.28 -2.08
N GLU C 3 8.74 7.11 -3.22
CA GLU C 3 7.99 8.20 -3.81
C GLU C 3 6.71 8.47 -3.02
N ILE C 4 6.13 7.43 -2.39
CA ILE C 4 4.89 7.66 -1.64
C ILE C 4 5.25 8.43 -0.37
N ALA C 5 6.31 8.02 0.32
CA ALA C 5 6.74 8.73 1.51
C ALA C 5 7.13 10.17 1.19
N GLN C 6 7.78 10.40 0.04
CA GLN C 6 8.19 11.75 -0.32
C GLN C 6 6.95 12.61 -0.61
N ALA C 7 5.93 12.05 -1.25
CA ALA C 7 4.71 12.82 -1.49
C ALA C 7 3.99 13.13 -0.18
N LEU C 8 3.99 12.20 0.78
CA LEU C 8 3.37 12.48 2.07
C LEU C 8 4.11 13.58 2.79
N LYS C 9 5.45 13.58 2.70
CA LYS C 9 6.21 14.66 3.29
C LYS C 9 5.85 15.99 2.65
N GLU C 10 5.56 15.98 1.36
CA GLU C 10 5.17 17.21 0.68
C GLU C 10 3.81 17.68 1.22
N ILE C 11 2.88 16.75 1.47
CA ILE C 11 1.64 17.14 2.16
C ILE C 11 1.93 17.83 3.48
N ALA C 12 2.80 17.24 4.32
CA ALA C 12 3.13 17.79 5.62
C ALA C 12 3.68 19.21 5.45
N LYS C 13 4.62 19.40 4.51
CA LYS C 13 5.25 20.70 4.34
C LYS C 13 4.27 21.75 3.77
N ALA C 14 3.53 21.38 2.74
CA ALA C 14 2.61 22.32 2.09
C ALA C 14 1.49 22.75 3.03
N ALA C 15 0.91 21.79 3.74
CA ALA C 15 -0.18 22.06 4.67
C ALA C 15 0.31 22.95 5.82
N ALA C 16 1.44 22.60 6.42
CA ALA C 16 1.99 23.36 7.52
C ALA C 16 2.26 24.79 7.09
N ALA C 17 2.89 24.99 5.93
CA ALA C 17 3.21 26.34 5.49
C ALA C 17 1.94 27.16 5.27
N ALA C 18 0.94 26.57 4.64
CA ALA C 18 -0.30 27.28 4.36
C ALA C 18 -1.09 27.57 5.64
N LEU C 19 -1.12 26.62 6.58
CA LEU C 19 -1.78 26.87 7.85
C LEU C 19 -1.06 27.95 8.64
N LYS C 20 0.28 28.02 8.56
CA LYS C 20 0.96 29.13 9.23
CA LYS C 20 0.99 29.12 9.21
C LYS C 20 0.65 30.47 8.58
N GLU C 21 0.44 30.53 7.26
CA GLU C 21 -0.04 31.75 6.61
C GLU C 21 -1.39 32.21 7.18
N ILE C 22 -2.27 31.25 7.49
CA ILE C 22 -3.55 31.54 8.12
C ILE C 22 -3.30 32.13 9.52
N ALA C 23 -2.41 31.49 10.29
CA ALA C 23 -2.10 31.99 11.61
C ALA C 23 -1.59 33.42 11.55
N TRP C 24 -0.72 33.71 10.60
CA TRP C 24 -0.21 35.08 10.46
C TRP C 24 -1.33 36.06 10.12
N ALA C 25 -2.24 35.69 9.18
CA ALA C 25 -3.33 36.57 8.86
C ALA C 25 -4.21 36.82 10.09
N LEU C 26 -4.38 35.82 10.95
CA LEU C 26 -5.15 36.04 12.16
C LEU C 26 -4.43 37.01 13.11
N LYS C 27 -3.09 36.91 13.19
CA LYS C 27 -2.35 37.92 13.91
C LYS C 27 -2.55 39.32 13.33
N GLU C 28 -2.66 39.45 12.01
CA GLU C 28 -2.94 40.75 11.44
C GLU C 28 -4.30 41.29 11.85
N ILE C 29 -5.31 40.42 11.96
CA ILE C 29 -6.61 40.84 12.47
C ILE C 29 -6.49 41.33 13.91
N ALA C 30 -5.77 40.60 14.75
CA ALA C 30 -5.61 41.05 16.13
C ALA C 30 -4.93 42.42 16.18
N GLN C 31 -3.90 42.61 15.35
CA GLN C 31 -3.18 43.88 15.28
C GLN C 31 -4.11 45.01 14.82
N ALA C 32 -4.97 44.75 13.81
CA ALA C 32 -5.94 45.70 13.34
C ALA C 32 -6.89 46.10 14.45
N LEU C 33 -7.33 45.15 15.26
CA LEU C 33 -8.21 45.44 16.37
C LEU C 33 -7.51 46.27 17.46
N LYS C 34 -6.21 46.01 17.72
CA LYS C 34 -5.45 46.78 18.71
C LYS C 34 -5.35 48.24 18.28
N GLY C 35 -5.12 48.49 16.98
CA GLY C 35 -4.88 49.82 16.46
C GLY C 35 -6.16 50.63 16.36
N NH2 C 36 -7.28 49.93 16.57
C ACE D 1 -0.27 -2.93 14.04
O ACE D 1 0.84 -2.92 14.43
CH3 ACE D 1 -1.44 -3.32 14.95
N GLY D 2 -0.55 -2.71 12.78
CA GLY D 2 0.47 -2.30 11.84
C GLY D 2 0.93 -0.85 12.03
N GLU D 3 2.13 -0.55 11.54
CA GLU D 3 2.72 0.75 11.74
C GLU D 3 2.04 1.84 10.90
N ILE D 4 1.59 1.53 9.67
CA ILE D 4 0.88 2.49 8.87
C ILE D 4 -0.46 2.85 9.52
N ALA D 5 -1.21 1.83 9.98
CA ALA D 5 -2.45 2.07 10.70
C ALA D 5 -2.25 2.93 11.95
N GLN D 6 -1.22 2.60 12.73
CA GLN D 6 -0.90 3.35 13.93
C GLN D 6 -0.59 4.81 13.59
N ALA D 7 0.13 5.04 12.50
CA ALA D 7 0.48 6.42 12.16
C ALA D 7 -0.77 7.19 11.70
N LEU D 8 -1.65 6.50 10.98
CA LEU D 8 -2.91 7.10 10.55
C LEU D 8 -3.74 7.50 11.77
N LYS D 9 -3.79 6.62 12.78
CA LYS D 9 -4.54 6.95 13.99
C LYS D 9 -3.91 8.14 14.70
N GLU D 10 -2.59 8.32 14.60
CA GLU D 10 -1.90 9.48 15.19
C GLU D 10 -2.33 10.75 14.44
N ILE D 11 -2.54 10.68 13.12
CA ILE D 11 -3.05 11.84 12.39
C ILE D 11 -4.44 12.18 12.90
N ALA D 12 -5.30 11.17 13.08
CA ALA D 12 -6.65 11.41 13.56
C ALA D 12 -6.64 12.12 14.91
N LYS D 13 -5.85 11.60 15.83
CA LYS D 13 -5.82 12.08 17.19
C LYS D 13 -5.23 13.50 17.27
N ALA D 14 -4.08 13.71 16.62
CA ALA D 14 -3.37 14.98 16.71
C ALA D 14 -4.15 16.08 15.99
N ALA D 15 -4.75 15.79 14.83
CA ALA D 15 -5.54 16.77 14.11
C ALA D 15 -6.82 17.10 14.89
N ALA D 16 -7.53 16.10 15.39
CA ALA D 16 -8.75 16.36 16.15
C ALA D 16 -8.45 17.25 17.35
N ALA D 17 -7.40 16.93 18.10
CA ALA D 17 -7.08 17.67 19.31
C ALA D 17 -6.80 19.14 19.00
N ALA D 18 -6.01 19.36 17.93
CA ALA D 18 -5.62 20.71 17.54
C ALA D 18 -6.82 21.49 17.00
N LEU D 19 -7.72 20.82 16.26
CA LEU D 19 -8.91 21.49 15.76
C LEU D 19 -9.82 21.86 16.93
N LYS D 20 -9.86 21.04 17.98
CA LYS D 20 -10.66 21.40 19.15
C LYS D 20 -10.08 22.61 19.91
N GLU D 21 -8.75 22.80 19.90
CA GLU D 21 -8.15 23.99 20.43
C GLU D 21 -8.61 25.22 19.65
N ILE D 22 -8.74 25.07 18.33
CA ILE D 22 -9.28 26.16 17.51
C ILE D 22 -10.71 26.47 17.94
N ALA D 23 -11.54 25.44 18.11
CA ALA D 23 -12.93 25.66 18.50
C ALA D 23 -13.00 26.41 19.82
N TRP D 24 -12.10 26.04 20.75
CA TRP D 24 -12.12 26.66 22.08
C TRP D 24 -11.71 28.13 21.99
N ALA D 25 -10.71 28.44 21.15
CA ALA D 25 -10.30 29.84 20.99
C ALA D 25 -11.43 30.65 20.35
N LEU D 26 -12.22 30.04 19.47
CA LEU D 26 -13.35 30.72 18.88
C LEU D 26 -14.46 30.98 19.92
N LYS D 27 -14.66 30.05 20.88
CA LYS D 27 -15.57 30.36 21.97
C LYS D 27 -15.05 31.51 22.85
N GLU D 28 -13.74 31.65 23.00
CA GLU D 28 -13.13 32.79 23.72
C GLU D 28 -13.45 34.12 23.02
N ILE D 29 -13.38 34.11 21.69
CA ILE D 29 -13.78 35.25 20.89
C ILE D 29 -15.26 35.55 21.09
N ALA D 30 -16.13 34.54 21.07
CA ALA D 30 -17.56 34.79 21.26
C ALA D 30 -17.80 35.44 22.61
N GLN D 31 -17.09 34.95 23.64
CA GLN D 31 -17.28 35.49 24.98
C GLN D 31 -16.81 36.95 25.02
N ALA D 32 -15.73 37.29 24.32
CA ALA D 32 -15.24 38.68 24.32
C ALA D 32 -16.22 39.62 23.62
N LEU D 33 -16.97 39.10 22.63
CA LEU D 33 -17.90 39.89 21.86
C LEU D 33 -19.20 40.13 22.63
N LYS D 34 -19.54 39.25 23.57
CA LYS D 34 -20.73 39.43 24.38
C LYS D 34 -20.42 40.62 25.30
N GLY D 35 -19.12 40.77 25.61
CA GLY D 35 -18.62 41.78 26.52
C GLY D 35 -18.06 41.11 27.77
N NH2 D 36 -17.81 39.81 27.69
C ACE E 1 10.11 2.37 10.01
O ACE E 1 11.09 2.73 9.42
CH3 ACE E 1 10.11 2.25 11.52
N GLY E 2 8.98 2.09 9.37
CA GLY E 2 8.94 2.21 7.93
C GLY E 2 8.82 3.67 7.50
N GLU E 3 9.19 3.92 6.25
CA GLU E 3 9.26 5.26 5.74
C GLU E 3 7.87 5.86 5.49
N ILE E 4 6.89 5.04 5.10
CA ILE E 4 5.55 5.57 4.90
C ILE E 4 4.93 5.94 6.25
N ALA E 5 5.10 5.08 7.26
CA ALA E 5 4.62 5.39 8.60
C ALA E 5 5.29 6.64 9.18
N GLN E 6 6.62 6.79 8.98
CA GLN E 6 7.33 7.98 9.43
C GLN E 6 6.80 9.25 8.76
N ALA E 7 6.52 9.20 7.46
CA ALA E 7 5.99 10.37 6.77
C ALA E 7 4.57 10.72 7.24
N LEU E 8 3.76 9.70 7.57
CA LEU E 8 2.43 9.95 8.11
C LEU E 8 2.53 10.62 9.47
N LYS E 9 3.49 10.16 10.30
CA LYS E 9 3.72 10.80 11.57
C LYS E 9 4.15 12.26 11.40
N GLU E 10 4.90 12.56 10.33
CA GLU E 10 5.31 13.92 10.07
C GLU E 10 4.10 14.80 9.72
N ILE E 11 3.14 14.24 8.99
CA ILE E 11 1.90 14.97 8.72
C ILE E 11 1.21 15.27 10.04
N ALA E 12 1.08 14.25 10.90
CA ALA E 12 0.41 14.46 12.17
C ALA E 12 1.10 15.58 12.96
N LYS E 13 2.43 15.54 13.06
CA LYS E 13 3.15 16.52 13.84
C LYS E 13 3.03 17.94 13.26
N ALA E 14 3.25 18.07 11.95
CA ALA E 14 3.31 19.35 11.28
C ALA E 14 1.92 19.99 11.28
N ALA E 15 0.89 19.17 11.00
CA ALA E 15 -0.46 19.69 10.97
C ALA E 15 -0.91 20.12 12.36
N ALA E 16 -0.60 19.32 13.39
CA ALA E 16 -1.03 19.64 14.74
C ALA E 16 -0.37 20.92 15.21
N ALA E 17 0.92 21.06 14.92
CA ALA E 17 1.65 22.24 15.36
C ALA E 17 1.09 23.50 14.72
N ALA E 18 0.83 23.44 13.41
CA ALA E 18 0.35 24.61 12.69
C ALA E 18 -1.08 24.99 13.07
N LEU E 19 -1.92 23.96 13.28
CA LEU E 19 -3.27 24.21 13.77
C LEU E 19 -3.23 24.86 15.16
N LYS E 20 -2.28 24.44 16.02
CA LYS E 20 -2.16 25.10 17.32
C LYS E 20 -1.73 26.55 17.18
N GLU E 21 -0.89 26.91 16.19
CA GLU E 21 -0.55 28.30 15.96
CA GLU E 21 -0.54 28.30 15.94
C GLU E 21 -1.80 29.11 15.58
N ILE E 22 -2.70 28.49 14.81
CA ILE E 22 -3.96 29.15 14.48
C ILE E 22 -4.78 29.40 15.76
N ALA E 23 -4.84 28.40 16.64
CA ALA E 23 -5.59 28.58 17.90
C ALA E 23 -5.01 29.71 18.74
N TRP E 24 -3.68 29.75 18.84
CA TRP E 24 -3.02 30.81 19.58
C TRP E 24 -3.28 32.20 18.99
N ALA E 25 -3.26 32.33 17.64
CA ALA E 25 -3.63 33.56 16.98
C ALA E 25 -5.08 33.97 17.23
N LEU E 26 -6.01 33.01 17.30
CA LEU E 26 -7.38 33.32 17.60
C LEU E 26 -7.47 33.85 19.04
N LYS E 27 -6.67 33.27 19.94
CA LYS E 27 -6.63 33.79 21.31
C LYS E 27 -6.15 35.23 21.36
N GLU E 28 -5.22 35.63 20.48
CA GLU E 28 -4.74 36.99 20.37
C GLU E 28 -5.85 37.93 19.92
N ILE E 29 -6.72 37.45 19.01
CA ILE E 29 -7.89 38.20 18.58
C ILE E 29 -8.83 38.39 19.77
N ALA E 30 -9.08 37.35 20.57
CA ALA E 30 -9.94 37.51 21.73
C ALA E 30 -9.35 38.53 22.70
N GLN E 31 -8.03 38.47 22.96
CA GLN E 31 -7.39 39.47 23.83
C GLN E 31 -7.58 40.89 23.28
N ALA E 32 -7.41 41.09 21.97
CA ALA E 32 -7.55 42.40 21.37
C ALA E 32 -8.96 42.94 21.52
N LEU E 33 -9.97 42.07 21.42
CA LEU E 33 -11.34 42.46 21.63
C LEU E 33 -11.58 42.86 23.09
N LYS E 34 -10.88 42.22 24.04
CA LYS E 34 -11.09 42.44 25.47
CA LYS E 34 -11.09 42.44 25.47
C LYS E 34 -10.28 43.65 25.94
N GLY E 35 -9.44 44.21 25.05
CA GLY E 35 -8.70 45.43 25.34
C GLY E 35 -9.25 46.62 24.54
N NH2 E 36 -10.45 46.45 23.99
C ACE F 1 -13.80 -1.52 -3.72
O ACE F 1 -14.36 -2.22 -2.90
CH3 ACE F 1 -14.46 -1.07 -5.02
N GLY F 2 -12.54 -1.19 -3.49
CA GLY F 2 -11.91 -1.78 -2.32
C GLY F 2 -12.03 -0.91 -1.07
N GLU F 3 -11.65 -1.50 0.06
CA GLU F 3 -11.93 -0.91 1.36
C GLU F 3 -11.06 0.33 1.61
N ILE F 4 -9.81 0.36 1.16
CA ILE F 4 -8.98 1.54 1.39
C ILE F 4 -9.53 2.72 0.59
N ALA F 5 -9.81 2.47 -0.68
CA ALA F 5 -10.39 3.47 -1.56
C ALA F 5 -11.69 4.00 -0.95
N GLN F 6 -12.52 3.10 -0.40
CA GLN F 6 -13.80 3.51 0.15
C GLN F 6 -13.58 4.39 1.38
N ALA F 7 -12.64 4.00 2.25
CA ALA F 7 -12.32 4.81 3.42
C ALA F 7 -11.80 6.19 3.02
N LEU F 8 -11.05 6.28 1.92
CA LEU F 8 -10.51 7.55 1.44
C LEU F 8 -11.66 8.43 0.92
N LYS F 9 -12.63 7.82 0.23
CA LYS F 9 -13.81 8.54 -0.22
C LYS F 9 -14.59 9.05 0.98
N GLU F 10 -14.59 8.29 2.08
CA GLU F 10 -15.31 8.71 3.25
C GLU F 10 -14.64 9.95 3.86
N ILE F 11 -13.31 9.99 3.86
CA ILE F 11 -12.59 11.20 4.30
C ILE F 11 -13.02 12.38 3.46
N ALA F 12 -13.01 12.23 2.13
CA ALA F 12 -13.39 13.29 1.25
C ALA F 12 -14.79 13.81 1.61
N LYS F 13 -15.73 12.89 1.80
CA LYS F 13 -17.12 13.30 1.99
C LYS F 13 -17.32 13.95 3.36
N ALA F 14 -16.75 13.36 4.40
CA ALA F 14 -16.92 13.82 5.76
C ALA F 14 -16.25 15.17 5.95
N ALA F 15 -15.05 15.31 5.41
CA ALA F 15 -14.33 16.57 5.53
C ALA F 15 -15.03 17.68 4.75
N ALA F 16 -15.45 17.39 3.52
CA ALA F 16 -16.08 18.39 2.69
C ALA F 16 -17.39 18.87 3.33
N ALA F 17 -18.14 17.96 3.99
CA ALA F 17 -19.42 18.32 4.57
C ALA F 17 -19.19 19.22 5.79
N ALA F 18 -18.19 18.88 6.60
CA ALA F 18 -17.90 19.64 7.81
C ALA F 18 -17.32 20.99 7.48
N LEU F 19 -16.42 21.07 6.46
CA LEU F 19 -15.89 22.33 6.01
C LEU F 19 -17.03 23.25 5.51
N LYS F 20 -18.03 22.65 4.83
CA LYS F 20 -19.17 23.44 4.37
C LYS F 20 -19.99 24.00 5.52
N GLU F 21 -20.11 23.27 6.62
CA GLU F 21 -20.79 23.77 7.81
C GLU F 21 -20.03 24.98 8.38
N ILE F 22 -18.70 24.92 8.34
CA ILE F 22 -17.89 26.08 8.76
C ILE F 22 -18.18 27.26 7.86
N ALA F 23 -18.19 27.08 6.54
CA ALA F 23 -18.45 28.16 5.63
C ALA F 23 -19.84 28.77 5.92
N TRP F 24 -20.84 27.92 6.20
CA TRP F 24 -22.18 28.44 6.46
C TRP F 24 -22.20 29.29 7.74
N ALA F 25 -21.55 28.78 8.78
CA ALA F 25 -21.42 29.52 10.02
C ALA F 25 -20.75 30.87 9.82
N LEU F 26 -19.74 30.94 8.95
CA LEU F 26 -19.13 32.22 8.64
C LEU F 26 -20.07 33.17 7.89
N LYS F 27 -20.89 32.62 6.98
CA LYS F 27 -21.96 33.43 6.37
C LYS F 27 -22.91 33.99 7.44
N GLU F 28 -23.22 33.20 8.46
CA GLU F 28 -24.07 33.66 9.54
C GLU F 28 -23.44 34.82 10.32
N ILE F 29 -22.12 34.76 10.55
CA ILE F 29 -21.39 35.89 11.13
C ILE F 29 -21.45 37.11 10.22
N ALA F 30 -21.26 36.95 8.90
CA ALA F 30 -21.39 38.09 8.01
C ALA F 30 -22.77 38.74 8.12
N GLN F 31 -23.80 37.90 8.17
CA GLN F 31 -25.18 38.42 8.28
C GLN F 31 -25.37 39.21 9.58
N ALA F 32 -24.85 38.66 10.68
CA ALA F 32 -24.91 39.34 11.98
C ALA F 32 -24.23 40.69 11.91
N LEU F 33 -23.11 40.79 11.20
CA LEU F 33 -22.36 42.04 11.11
C LEU F 33 -23.06 43.08 10.23
N LYS F 34 -23.87 42.62 9.28
CA LYS F 34 -24.66 43.47 8.41
C LYS F 34 -25.93 43.98 9.13
N GLY F 35 -26.21 43.47 10.33
CA GLY F 35 -27.38 43.85 11.10
C GLY F 35 -28.58 42.91 10.90
N NH2 F 36 -28.31 41.76 10.32
C ACE G 1 -10.81 -4.70 8.03
O ACE G 1 -10.33 -5.14 9.04
CH3 ACE G 1 -12.32 -4.82 7.76
N GLY G 2 -10.06 -4.10 7.12
CA GLY G 2 -8.62 -4.04 7.29
C GLY G 2 -8.21 -2.89 8.22
N GLU G 3 -7.06 -3.05 8.87
CA GLU G 3 -6.62 -2.07 9.85
C GLU G 3 -6.32 -0.70 9.22
N ILE G 4 -5.86 -0.66 7.95
CA ILE G 4 -5.55 0.61 7.32
C ILE G 4 -6.85 1.34 6.99
N ALA G 5 -7.81 0.62 6.40
CA ALA G 5 -9.09 1.22 6.09
C ALA G 5 -9.77 1.74 7.37
N GLN G 6 -9.64 0.99 8.47
CA GLN G 6 -10.31 1.38 9.70
C GLN G 6 -9.65 2.64 10.26
N ALA G 7 -8.33 2.74 10.18
CA ALA G 7 -7.64 3.96 10.61
C ALA G 7 -8.01 5.17 9.76
N LEU G 8 -8.19 4.97 8.45
CA LEU G 8 -8.62 6.01 7.56
C LEU G 8 -10.03 6.48 7.93
N LYS G 9 -10.90 5.53 8.26
CA LYS G 9 -12.22 5.91 8.77
C LYS G 9 -12.13 6.70 10.08
N GLU G 10 -11.21 6.37 10.98
CA GLU G 10 -11.01 7.13 12.21
C GLU G 10 -10.59 8.57 11.89
N ILE G 11 -9.75 8.79 10.88
CA ILE G 11 -9.47 10.15 10.44
C ILE G 11 -10.77 10.86 10.01
N ALA G 12 -11.58 10.21 9.15
CA ALA G 12 -12.82 10.82 8.67
C ALA G 12 -13.70 11.25 9.85
N LYS G 13 -13.86 10.35 10.81
CA LYS G 13 -14.74 10.60 11.94
C LYS G 13 -14.20 11.69 12.83
N ALA G 14 -12.92 11.57 13.20
CA ALA G 14 -12.33 12.51 14.16
C ALA G 14 -12.27 13.91 13.57
N ALA G 15 -11.83 14.00 12.30
CA ALA G 15 -11.69 15.29 11.64
C ALA G 15 -13.07 15.94 11.47
N ALA G 16 -14.04 15.17 10.99
CA ALA G 16 -15.36 15.73 10.80
C ALA G 16 -15.93 16.23 12.13
N ALA G 17 -15.80 15.47 13.19
CA ALA G 17 -16.40 15.86 14.45
C ALA G 17 -15.76 17.14 14.98
N ALA G 18 -14.43 17.25 14.84
CA ALA G 18 -13.74 18.42 15.37
C ALA G 18 -14.01 19.65 14.49
N LEU G 19 -14.12 19.49 13.17
CA LEU G 19 -14.48 20.57 12.30
C LEU G 19 -15.89 21.09 12.63
N LYS G 20 -16.82 20.17 12.94
CA LYS G 20 -18.17 20.59 13.32
C LYS G 20 -18.12 21.36 14.63
N GLU G 21 -17.24 21.01 15.56
CA GLU G 21 -17.09 21.85 16.74
C GLU G 21 -16.66 23.28 16.45
N ILE G 22 -15.76 23.45 15.46
CA ILE G 22 -15.39 24.76 14.98
C ILE G 22 -16.63 25.47 14.42
N ALA G 23 -17.46 24.76 13.66
CA ALA G 23 -18.63 25.39 13.09
C ALA G 23 -19.56 25.88 14.20
N TRP G 24 -19.74 25.07 15.25
CA TRP G 24 -20.60 25.45 16.36
C TRP G 24 -20.06 26.67 17.11
N ALA G 25 -18.74 26.73 17.28
CA ALA G 25 -18.12 27.87 17.94
C ALA G 25 -18.32 29.14 17.13
N LEU G 26 -18.25 29.03 15.80
CA LEU G 26 -18.52 30.15 14.92
C LEU G 26 -19.98 30.61 15.02
N LYS G 27 -20.91 29.67 15.13
CA LYS G 27 -22.31 30.09 15.39
C LYS G 27 -22.44 30.86 16.70
N GLU G 28 -21.70 30.43 17.72
CA GLU G 28 -21.65 31.18 18.98
C GLU G 28 -21.16 32.61 18.79
N ILE G 29 -20.21 32.83 17.86
CA ILE G 29 -19.72 34.16 17.55
C ILE G 29 -20.87 34.94 16.91
N ALA G 30 -21.59 34.30 15.99
CA ALA G 30 -22.68 35.00 15.35
C ALA G 30 -23.76 35.39 16.37
N GLN G 31 -24.07 34.52 17.32
CA GLN G 31 -25.11 34.81 18.30
C GLN G 31 -24.64 35.98 19.18
N ALA G 32 -23.35 35.98 19.58
CA ALA G 32 -22.77 37.05 20.40
C ALA G 32 -22.85 38.40 19.69
N LEU G 33 -22.67 38.40 18.38
CA LEU G 33 -22.74 39.61 17.59
C LEU G 33 -24.19 40.09 17.46
N LYS G 34 -25.15 39.16 17.47
CA LYS G 34 -26.56 39.53 17.32
C LYS G 34 -27.06 40.06 18.66
N GLY G 35 -26.51 39.54 19.76
CA GLY G 35 -26.90 39.92 21.11
C GLY G 35 -26.43 41.31 21.50
N NH2 G 36 -25.56 41.90 20.70
C ACE H 1 -9.39 -8.13 7.05
O ACE H 1 -10.41 -8.14 6.40
CH3 ACE H 1 -9.31 -8.80 8.40
N GLY H 2 -8.29 -7.45 6.64
CA GLY H 2 -8.39 -6.70 5.40
C GLY H 2 -8.36 -7.60 4.18
N GLU H 3 -8.85 -7.06 3.08
CA GLU H 3 -8.94 -7.80 1.84
C GLU H 3 -7.55 -8.10 1.27
N ILE H 4 -6.56 -7.22 1.47
CA ILE H 4 -5.24 -7.50 0.91
C ILE H 4 -4.57 -8.63 1.67
N ALA H 5 -4.65 -8.57 2.99
CA ALA H 5 -4.10 -9.60 3.84
C ALA H 5 -4.79 -10.92 3.55
N GLN H 6 -6.12 -10.92 3.34
CA GLN H 6 -6.82 -12.18 3.05
C GLN H 6 -6.36 -12.76 1.70
N ALA H 7 -6.17 -11.91 0.69
CA ALA H 7 -5.74 -12.40 -0.60
C ALA H 7 -4.31 -12.96 -0.52
N LEU H 8 -3.45 -12.34 0.29
CA LEU H 8 -2.10 -12.86 0.49
C LEU H 8 -2.13 -14.22 1.16
N LYS H 9 -3.00 -14.37 2.17
CA LYS H 9 -3.21 -15.66 2.79
C LYS H 9 -3.71 -16.69 1.78
N GLU H 10 -4.49 -16.27 0.80
CA GLU H 10 -4.97 -17.19 -0.21
C GLU H 10 -3.77 -17.64 -1.08
N ILE H 11 -2.83 -16.73 -1.36
CA ILE H 11 -1.65 -17.15 -2.12
C ILE H 11 -0.86 -18.18 -1.32
N ALA H 12 -0.71 -17.96 -0.01
CA ALA H 12 0.01 -18.88 0.86
C ALA H 12 -0.62 -20.27 0.81
N LYS H 13 -1.95 -20.30 0.96
CA LYS H 13 -2.67 -21.58 0.99
C LYS H 13 -2.66 -22.29 -0.37
N ALA H 14 -2.94 -21.56 -1.45
CA ALA H 14 -3.03 -22.18 -2.76
C ALA H 14 -1.66 -22.68 -3.21
N ALA H 15 -0.63 -21.90 -2.90
CA ALA H 15 0.71 -22.26 -3.35
C ALA H 15 1.21 -23.45 -2.60
N ALA H 16 1.03 -23.45 -1.27
CA ALA H 16 1.41 -24.58 -0.45
C ALA H 16 0.71 -25.86 -0.92
N ALA H 17 -0.59 -25.79 -1.20
CA ALA H 17 -1.37 -26.99 -1.55
C ALA H 17 -0.87 -27.56 -2.87
N ALA H 18 -0.63 -26.68 -3.83
CA ALA H 18 -0.17 -27.10 -5.14
C ALA H 18 1.24 -27.64 -5.08
N LEU H 19 2.14 -26.98 -4.32
CA LEU H 19 3.48 -27.51 -4.20
C LEU H 19 3.51 -28.88 -3.52
N LYS H 20 2.61 -29.10 -2.54
CA LYS H 20 2.52 -30.40 -1.91
C LYS H 20 2.07 -31.43 -2.94
N GLU H 21 1.19 -31.08 -3.87
CA GLU H 21 0.77 -32.01 -4.90
C GLU H 21 2.00 -32.41 -5.73
N ILE H 22 2.90 -31.44 -5.97
CA ILE H 22 4.10 -31.76 -6.74
C ILE H 22 4.98 -32.73 -5.96
N ALA H 23 5.14 -32.49 -4.65
CA ALA H 23 5.92 -33.38 -3.82
C ALA H 23 5.34 -34.81 -3.85
N TRP H 24 4.03 -34.93 -3.78
CA TRP H 24 3.38 -36.25 -3.79
C TRP H 24 3.60 -37.00 -5.11
N ALA H 25 3.49 -36.27 -6.23
CA ALA H 25 3.77 -36.84 -7.53
C ALA H 25 5.23 -37.28 -7.65
N LEU H 26 6.17 -36.52 -7.10
CA LEU H 26 7.57 -36.93 -7.12
C LEU H 26 7.77 -38.24 -6.35
N LYS H 27 7.09 -38.37 -5.22
CA LYS H 27 7.16 -39.63 -4.48
C LYS H 27 6.57 -40.78 -5.29
N GLU H 28 5.55 -40.53 -6.12
CA GLU H 28 5.06 -41.55 -7.03
C GLU H 28 6.13 -42.00 -8.04
N ILE H 29 6.93 -41.05 -8.54
CA ILE H 29 8.05 -41.37 -9.40
C ILE H 29 9.08 -42.23 -8.66
N ALA H 30 9.40 -41.86 -7.41
CA ALA H 30 10.34 -42.68 -6.64
C ALA H 30 9.83 -44.11 -6.50
N GLN H 31 8.55 -44.25 -6.19
CA GLN H 31 7.96 -45.58 -5.99
C GLN H 31 7.99 -46.38 -7.30
N ALA H 32 7.76 -45.72 -8.44
CA ALA H 32 7.76 -46.40 -9.74
C ALA H 32 9.16 -46.88 -10.05
N LEU H 33 10.16 -46.11 -9.64
CA LEU H 33 11.54 -46.48 -9.85
C LEU H 33 11.93 -47.67 -8.97
N LYS H 34 11.36 -47.77 -7.77
CA LYS H 34 11.74 -48.86 -6.88
C LYS H 34 11.17 -50.14 -7.47
N GLY H 35 9.94 -50.05 -8.00
CA GLY H 35 9.22 -51.20 -8.54
C GLY H 35 9.85 -51.74 -9.83
N NH2 H 36 10.73 -50.95 -10.42
C ACE I 1 -12.50 -5.14 -4.46
O ACE I 1 -12.72 -4.64 -5.52
CH3 ACE I 1 -13.47 -6.11 -3.80
N GLY I 2 -11.39 -4.89 -3.78
CA GLY I 2 -10.43 -3.95 -4.34
C GLY I 2 -9.58 -4.59 -5.44
N GLU I 3 -9.05 -3.74 -6.31
CA GLU I 3 -8.34 -4.24 -7.48
C GLU I 3 -7.04 -4.93 -7.07
N ILE I 4 -6.36 -4.48 -6.00
CA ILE I 4 -5.10 -5.12 -5.64
C ILE I 4 -5.39 -6.51 -5.10
N ALA I 5 -6.38 -6.61 -4.19
CA ALA I 5 -6.80 -7.88 -3.63
C ALA I 5 -7.21 -8.84 -4.75
N GLN I 6 -7.92 -8.35 -5.77
CA GLN I 6 -8.37 -9.21 -6.85
CA GLN I 6 -8.37 -9.17 -6.88
C GLN I 6 -7.18 -9.70 -7.67
N ALA I 7 -6.19 -8.83 -7.90
CA ALA I 7 -4.99 -9.21 -8.64
C ALA I 7 -4.18 -10.24 -7.86
N LEU I 8 -4.15 -10.14 -6.53
CA LEU I 8 -3.44 -11.11 -5.73
C LEU I 8 -4.14 -12.46 -5.78
N LYS I 9 -5.48 -12.46 -5.75
CA LYS I 9 -6.25 -13.68 -5.93
C LYS I 9 -5.97 -14.31 -7.30
N GLU I 10 -5.76 -13.50 -8.33
CA GLU I 10 -5.46 -14.00 -9.65
CA GLU I 10 -5.44 -13.99 -9.67
C GLU I 10 -4.08 -14.70 -9.65
N ILE I 11 -3.11 -14.15 -8.90
CA ILE I 11 -1.83 -14.85 -8.72
C ILE I 11 -2.07 -16.20 -8.06
N ALA I 12 -2.84 -16.23 -6.97
CA ALA I 12 -3.10 -17.48 -6.28
C ALA I 12 -3.71 -18.53 -7.22
N LYS I 13 -4.73 -18.11 -7.98
CA LYS I 13 -5.43 -19.03 -8.87
C LYS I 13 -4.52 -19.54 -9.99
N ALA I 14 -3.85 -18.61 -10.68
CA ALA I 14 -3.03 -18.94 -11.83
C ALA I 14 -1.86 -19.80 -11.43
N ALA I 15 -1.22 -19.48 -10.30
CA ALA I 15 -0.04 -20.22 -9.92
C ALA I 15 -0.45 -21.61 -9.46
N ALA I 16 -1.52 -21.68 -8.68
CA ALA I 16 -1.95 -22.98 -8.19
C ALA I 16 -2.34 -23.89 -9.36
N ALA I 17 -3.09 -23.38 -10.32
CA ALA I 17 -3.50 -24.18 -11.46
C ALA I 17 -2.26 -24.68 -12.26
N ALA I 18 -1.28 -23.80 -12.47
CA ALA I 18 -0.12 -24.18 -13.27
C ALA I 18 0.75 -25.19 -12.51
N LEU I 19 0.87 -25.01 -11.20
CA LEU I 19 1.63 -25.94 -10.39
C LEU I 19 0.96 -27.32 -10.38
N LYS I 20 -0.37 -27.32 -10.42
CA LYS I 20 -1.09 -28.59 -10.49
C LYS I 20 -0.90 -29.26 -11.85
N GLU I 21 -0.76 -28.50 -12.94
CA GLU I 21 -0.39 -29.07 -14.22
C GLU I 21 0.99 -29.73 -14.15
N ILE I 22 1.94 -29.12 -13.43
CA ILE I 22 3.24 -29.76 -13.21
C ILE I 22 3.09 -31.08 -12.46
N ALA I 23 2.29 -31.08 -11.38
CA ALA I 23 2.05 -32.30 -10.63
C ALA I 23 1.48 -33.40 -11.53
N TRP I 24 0.52 -33.08 -12.37
CA TRP I 24 -0.06 -34.04 -13.30
C TRP I 24 0.96 -34.60 -14.27
N ALA I 25 1.81 -33.73 -14.85
CA ALA I 25 2.87 -34.22 -15.73
C ALA I 25 3.83 -35.15 -14.98
N LEU I 26 4.08 -34.92 -13.68
CA LEU I 26 4.97 -35.80 -12.93
C LEU I 26 4.28 -37.16 -12.70
N LYS I 27 2.96 -37.13 -12.48
CA LYS I 27 2.21 -38.38 -12.43
C LYS I 27 2.31 -39.15 -13.75
N GLU I 28 2.31 -38.45 -14.87
CA GLU I 28 2.52 -39.09 -16.16
C GLU I 28 3.89 -39.74 -16.30
N ILE I 29 4.94 -39.11 -15.74
CA ILE I 29 6.26 -39.71 -15.70
C ILE I 29 6.22 -41.01 -14.87
N ALA I 30 5.58 -40.94 -13.71
CA ALA I 30 5.45 -42.12 -12.89
C ALA I 30 4.77 -43.26 -13.66
N GLN I 31 3.71 -42.95 -14.36
CA GLN I 31 2.96 -43.97 -15.08
C GLN I 31 3.85 -44.58 -16.15
N ALA I 32 4.62 -43.73 -16.86
CA ALA I 32 5.49 -44.20 -17.94
C ALA I 32 6.55 -45.15 -17.40
N LEU I 33 7.07 -44.85 -16.21
CA LEU I 33 8.02 -45.73 -15.54
C LEU I 33 7.37 -47.07 -15.14
N LYS I 34 6.10 -47.04 -14.71
CA LYS I 34 5.37 -48.22 -14.24
C LYS I 34 5.10 -49.17 -15.40
N GLY I 35 4.82 -48.61 -16.58
CA GLY I 35 4.45 -49.38 -17.75
C GLY I 35 5.68 -49.97 -18.44
N NH2 I 36 6.86 -49.61 -17.94
C ACE J 1 5.91 4.41 -12.32
O ACE J 1 7.01 4.82 -12.04
CH3 ACE J 1 5.30 4.46 -13.72
N GLY J 2 5.18 3.85 -11.39
CA GLY J 2 5.67 3.89 -10.03
C GLY J 2 6.67 2.80 -9.71
N GLU J 3 7.45 3.03 -8.66
CA GLU J 3 8.56 2.15 -8.31
C GLU J 3 8.08 0.77 -7.83
N ILE J 4 6.96 0.70 -7.10
CA ILE J 4 6.44 -0.59 -6.67
C ILE J 4 5.98 -1.41 -7.88
N ALA J 5 5.21 -0.81 -8.80
CA ALA J 5 4.78 -1.49 -10.01
C ALA J 5 5.99 -1.93 -10.82
N GLN J 6 7.00 -1.08 -10.94
CA GLN J 6 8.19 -1.48 -11.71
C GLN J 6 8.88 -2.69 -11.06
N ALA J 7 8.99 -2.71 -9.73
CA ALA J 7 9.61 -3.83 -9.03
C ALA J 7 8.81 -5.12 -9.20
N LEU J 8 7.47 -5.03 -9.14
CA LEU J 8 6.63 -6.19 -9.41
C LEU J 8 6.81 -6.71 -10.82
N LYS J 9 6.97 -5.79 -11.79
CA LYS J 9 7.21 -6.20 -13.15
C LYS J 9 8.56 -6.93 -13.25
N GLU J 10 9.54 -6.49 -12.47
CA GLU J 10 10.84 -7.13 -12.46
CA GLU J 10 10.85 -7.12 -12.41
C GLU J 10 10.71 -8.56 -11.91
N ILE J 11 9.84 -8.78 -10.91
CA ILE J 11 9.59 -10.14 -10.42
C ILE J 11 9.06 -11.01 -11.56
N ALA J 12 8.07 -10.48 -12.26
CA ALA J 12 7.41 -11.20 -13.34
C ALA J 12 8.44 -11.61 -14.38
N LYS J 13 9.29 -10.66 -14.79
CA LYS J 13 10.26 -10.90 -15.84
C LYS J 13 11.35 -11.87 -15.38
N ALA J 14 11.89 -11.67 -14.18
CA ALA J 14 12.99 -12.48 -13.70
C ALA J 14 12.52 -13.90 -13.43
N ALA J 15 11.35 -14.05 -12.81
CA ALA J 15 10.85 -15.37 -12.48
C ALA J 15 10.50 -16.14 -13.74
N ALA J 16 9.82 -15.50 -14.69
CA ALA J 16 9.47 -16.16 -15.93
C ALA J 16 10.71 -16.61 -16.69
N ALA J 17 11.73 -15.77 -16.75
CA ALA J 17 12.92 -16.13 -17.53
C ALA J 17 13.64 -17.34 -16.90
N ALA J 18 13.71 -17.36 -15.54
CA ALA J 18 14.38 -18.47 -14.86
C ALA J 18 13.57 -19.76 -14.93
N LEU J 19 12.23 -19.66 -14.83
CA LEU J 19 11.38 -20.82 -14.98
C LEU J 19 11.51 -21.41 -16.40
N LYS J 20 11.68 -20.56 -17.42
CA LYS J 20 11.89 -21.05 -18.77
C LYS J 20 13.24 -21.74 -18.93
N GLU J 21 14.27 -21.32 -18.22
CA GLU J 21 15.52 -22.09 -18.18
C GLU J 21 15.34 -23.48 -17.58
N ILE J 22 14.49 -23.60 -16.54
CA ILE J 22 14.15 -24.91 -16.00
C ILE J 22 13.45 -25.78 -17.04
N ALA J 23 12.48 -25.20 -17.77
CA ALA J 23 11.78 -25.96 -18.80
C ALA J 23 12.75 -26.45 -19.88
N TRP J 24 13.68 -25.59 -20.27
CA TRP J 24 14.69 -25.94 -21.27
C TRP J 24 15.58 -27.09 -20.82
N ALA J 25 16.02 -27.04 -19.56
CA ALA J 25 16.82 -28.11 -19.00
C ALA J 25 16.04 -29.43 -18.94
N LEU J 26 14.73 -29.38 -18.62
CA LEU J 26 13.91 -30.57 -18.68
C LEU J 26 13.79 -31.14 -20.09
N LYS J 27 13.70 -30.26 -21.11
CA LYS J 27 13.71 -30.71 -22.49
C LYS J 27 15.00 -31.46 -22.79
N GLU J 28 16.10 -30.98 -22.24
CA GLU J 28 17.40 -31.62 -22.46
C GLU J 28 17.41 -33.03 -21.85
N ILE J 29 16.80 -33.18 -20.65
CA ILE J 29 16.61 -34.49 -20.05
C ILE J 29 15.77 -35.38 -20.96
N ALA J 30 14.68 -34.87 -21.51
CA ALA J 30 13.80 -35.67 -22.35
C ALA J 30 14.59 -36.19 -23.57
N GLN J 31 15.38 -35.31 -24.17
CA GLN J 31 16.21 -35.69 -25.32
C GLN J 31 17.31 -36.70 -24.89
N ALA J 32 17.91 -36.59 -23.71
CA ALA J 32 18.89 -37.57 -23.30
C ALA J 32 18.24 -38.95 -23.16
N LEU J 33 16.99 -38.99 -22.74
CA LEU J 33 16.25 -40.23 -22.49
C LEU J 33 15.79 -40.84 -23.81
N LYS J 34 15.40 -40.01 -24.77
CA LYS J 34 15.17 -40.46 -26.14
C LYS J 34 16.44 -41.06 -26.76
N GLY J 35 17.62 -40.89 -26.14
CA GLY J 35 18.88 -41.37 -26.67
C GLY J 35 19.70 -40.21 -27.26
N NH2 J 36 18.98 -39.20 -27.70
C ACE K 1 13.62 3.77 -2.68
O ACE K 1 14.17 3.81 -1.62
CH3 ACE K 1 14.31 4.19 -3.97
N GLY K 2 12.35 3.39 -2.79
CA GLY K 2 11.64 3.07 -1.56
C GLY K 2 11.91 1.65 -1.07
N GLU K 3 11.67 1.47 0.22
CA GLU K 3 12.03 0.22 0.87
C GLU K 3 11.17 -0.96 0.38
N ILE K 4 9.88 -0.73 0.09
CA ILE K 4 9.06 -1.82 -0.40
C ILE K 4 9.54 -2.22 -1.78
N ALA K 5 9.75 -1.25 -2.68
CA ALA K 5 10.25 -1.55 -4.01
C ALA K 5 11.58 -2.29 -3.92
N GLN K 6 12.48 -1.85 -3.04
CA GLN K 6 13.78 -2.51 -2.94
C GLN K 6 13.61 -3.96 -2.48
N ALA K 7 12.67 -4.22 -1.55
CA ALA K 7 12.47 -5.60 -1.08
C ALA K 7 11.88 -6.49 -2.18
N LEU K 8 11.01 -5.92 -3.02
CA LEU K 8 10.45 -6.63 -4.15
C LEU K 8 11.55 -6.97 -5.16
N LYS K 9 12.46 -6.03 -5.43
CA LYS K 9 13.60 -6.31 -6.26
C LYS K 9 14.45 -7.46 -5.71
N GLU K 10 14.57 -7.53 -4.39
CA GLU K 10 15.33 -8.58 -3.73
C GLU K 10 14.63 -9.92 -3.95
N ILE K 11 13.29 -9.95 -3.92
CA ILE K 11 12.58 -11.18 -4.27
C ILE K 11 12.92 -11.57 -5.70
N ALA K 12 12.86 -10.62 -6.64
CA ALA K 12 13.14 -10.93 -8.03
C ALA K 12 14.52 -11.56 -8.18
N LYS K 13 15.51 -10.91 -7.56
CA LYS K 13 16.89 -11.35 -7.68
C LYS K 13 17.14 -12.70 -7.03
N ALA K 14 16.68 -12.88 -5.80
CA ALA K 14 16.96 -14.11 -5.06
C ALA K 14 16.23 -15.29 -5.70
N ALA K 15 14.97 -15.08 -6.08
CA ALA K 15 14.19 -16.16 -6.70
C ALA K 15 14.79 -16.54 -8.06
N ALA K 16 15.13 -15.58 -8.90
CA ALA K 16 15.70 -15.90 -10.19
C ALA K 16 17.01 -16.69 -10.00
N ALA K 17 17.87 -16.23 -9.12
CA ALA K 17 19.17 -16.89 -8.96
C ALA K 17 18.99 -18.33 -8.51
N ALA K 18 18.06 -18.56 -7.59
CA ALA K 18 17.85 -19.91 -7.08
C ALA K 18 17.18 -20.79 -8.13
N LEU K 19 16.23 -20.24 -8.91
CA LEU K 19 15.64 -21.00 -9.97
C LEU K 19 16.68 -21.39 -11.03
N LYS K 20 17.62 -20.47 -11.31
CA LYS K 20 18.71 -20.82 -12.21
C LYS K 20 19.57 -21.95 -11.65
N GLU K 21 19.77 -22.03 -10.35
CA GLU K 21 20.48 -23.16 -9.76
C GLU K 21 19.77 -24.47 -10.02
N ILE K 22 18.43 -24.42 -9.97
CA ILE K 22 17.64 -25.60 -10.28
C ILE K 22 17.86 -26.00 -11.73
N ALA K 23 17.80 -25.04 -12.66
CA ALA K 23 18.06 -25.36 -14.06
C ALA K 23 19.44 -25.97 -14.25
N TRP K 24 20.46 -25.43 -13.60
CA TRP K 24 21.80 -26.00 -13.73
C TRP K 24 21.88 -27.43 -13.22
N ALA K 25 21.20 -27.70 -12.09
CA ALA K 25 21.15 -29.04 -11.54
C ALA K 25 20.48 -30.02 -12.51
N LEU K 26 19.42 -29.58 -13.17
CA LEU K 26 18.74 -30.40 -14.15
C LEU K 26 19.64 -30.67 -15.35
N LYS K 27 20.42 -29.67 -15.75
CA LYS K 27 21.40 -29.92 -16.80
C LYS K 27 22.41 -30.99 -16.38
N GLU K 28 22.77 -31.02 -15.10
CA GLU K 28 23.69 -32.04 -14.60
C GLU K 28 23.06 -33.43 -14.74
N ILE K 29 21.76 -33.51 -14.45
CA ILE K 29 21.01 -34.75 -14.65
C ILE K 29 21.09 -35.17 -16.11
N ALA K 30 20.84 -34.24 -17.04
CA ALA K 30 20.86 -34.60 -18.46
C ALA K 30 22.24 -35.16 -18.81
N GLN K 31 23.29 -34.51 -18.29
CA GLN K 31 24.68 -34.91 -18.53
C GLN K 31 24.95 -36.30 -17.96
N ALA K 32 24.46 -36.62 -16.76
CA ALA K 32 24.62 -37.93 -16.17
C ALA K 32 23.93 -39.03 -16.98
N LEU K 33 22.76 -38.72 -17.57
CA LEU K 33 22.03 -39.69 -18.38
C LEU K 33 22.77 -39.92 -19.70
N LYS K 34 23.35 -38.87 -20.26
CA LYS K 34 24.10 -38.97 -21.50
C LYS K 34 25.47 -39.59 -21.27
N GLY K 35 25.73 -40.13 -20.07
CA GLY K 35 26.96 -40.83 -19.77
C GLY K 35 28.18 -39.94 -19.95
N NH2 K 36 28.01 -38.67 -19.58
C ACE L 1 11.59 -0.92 8.51
O ACE L 1 11.25 -1.30 9.56
CH3 ACE L 1 13.01 -0.47 8.32
N GLY L 2 10.76 -0.88 7.47
CA GLY L 2 9.34 -1.06 7.69
C GLY L 2 8.96 -2.54 7.71
N GLU L 3 7.85 -2.86 8.37
CA GLU L 3 7.48 -4.26 8.57
C GLU L 3 7.07 -4.96 7.27
N ILE L 4 6.47 -4.26 6.31
CA ILE L 4 6.12 -4.86 5.02
C ILE L 4 7.39 -5.17 4.21
N ALA L 5 8.34 -4.24 4.16
CA ALA L 5 9.61 -4.52 3.49
C ALA L 5 10.32 -5.70 4.14
N GLN L 6 10.29 -5.76 5.48
CA GLN L 6 11.00 -6.83 6.17
C GLN L 6 10.35 -8.16 5.88
N ALA L 7 9.03 -8.23 5.86
CA ALA L 7 8.33 -9.45 5.51
C ALA L 7 8.64 -9.89 4.08
N LEU L 8 8.70 -8.93 3.15
CA LEU L 8 9.07 -9.26 1.78
C LEU L 8 10.48 -9.82 1.69
N LYS L 9 11.44 -9.25 2.44
CA LYS L 9 12.76 -9.80 2.52
C LYS L 9 12.75 -11.23 3.08
N GLU L 10 11.84 -11.52 4.01
CA GLU L 10 11.74 -12.87 4.55
CA GLU L 10 11.70 -12.86 4.56
C GLU L 10 11.24 -13.84 3.47
N ILE L 11 10.32 -13.41 2.61
CA ILE L 11 9.92 -14.24 1.48
C ILE L 11 11.14 -14.51 0.60
N ALA L 12 11.90 -13.47 0.25
CA ALA L 12 13.06 -13.66 -0.60
C ALA L 12 14.02 -14.67 -0.03
N LYS L 13 14.30 -14.55 1.27
CA LYS L 13 15.29 -15.40 1.89
C LYS L 13 14.78 -16.85 1.99
N ALA L 14 13.56 -17.02 2.47
CA ALA L 14 12.97 -18.34 2.67
C ALA L 14 12.79 -19.09 1.35
N ALA L 15 12.27 -18.41 0.35
CA ALA L 15 12.08 -19.04 -0.96
C ALA L 15 13.41 -19.42 -1.58
N ALA L 16 14.39 -18.51 -1.54
CA ALA L 16 15.68 -18.76 -2.15
C ALA L 16 16.33 -19.98 -1.51
N ALA L 17 16.30 -20.02 -0.18
CA ALA L 17 16.95 -21.10 0.55
C ALA L 17 16.30 -22.44 0.21
N ALA L 18 14.97 -22.47 0.15
CA ALA L 18 14.28 -23.73 -0.09
C ALA L 18 14.46 -24.16 -1.55
N LEU L 19 14.50 -23.20 -2.49
CA LEU L 19 14.73 -23.55 -3.88
C LEU L 19 16.16 -24.11 -4.08
N LYS L 20 17.14 -23.58 -3.34
CA LYS L 20 18.48 -24.14 -3.37
C LYS L 20 18.51 -25.57 -2.82
N GLU L 21 17.67 -25.88 -1.83
CA GLU L 21 17.58 -27.25 -1.35
C GLU L 21 17.03 -28.17 -2.44
N ILE L 22 16.10 -27.66 -3.25
CA ILE L 22 15.64 -28.41 -4.42
C ILE L 22 16.78 -28.65 -5.41
N ALA L 23 17.53 -27.60 -5.72
CA ALA L 23 18.66 -27.72 -6.61
C ALA L 23 19.67 -28.77 -6.09
N TRP L 24 19.96 -28.76 -4.80
CA TRP L 24 20.86 -29.74 -4.19
CA TRP L 24 20.90 -29.75 -4.30
C TRP L 24 20.34 -31.17 -4.34
N ALA L 25 19.05 -31.35 -4.10
CA ALA L 25 18.44 -32.66 -4.30
C ALA L 25 18.50 -33.13 -5.75
N LEU L 26 18.36 -32.21 -6.72
CA LEU L 26 18.56 -32.55 -8.10
C LEU L 26 20.00 -32.99 -8.38
N LYS L 27 20.96 -32.31 -7.76
CA LYS L 27 22.35 -32.73 -7.91
C LYS L 27 22.55 -34.13 -7.33
N GLU L 28 21.80 -34.45 -6.27
CA GLU L 28 21.87 -35.80 -5.68
C GLU L 28 21.33 -36.85 -6.66
N ILE L 29 20.29 -36.50 -7.42
CA ILE L 29 19.79 -37.38 -8.47
C ILE L 29 20.86 -37.59 -9.53
N ALA L 30 21.51 -36.51 -9.98
CA ALA L 30 22.57 -36.63 -10.96
C ALA L 30 23.67 -37.55 -10.39
N GLN L 31 24.02 -37.39 -9.12
CA GLN L 31 25.05 -38.20 -8.46
C GLN L 31 24.64 -39.69 -8.48
N ALA L 32 23.40 -40.00 -8.05
CA ALA L 32 22.87 -41.37 -8.09
C ALA L 32 22.95 -41.93 -9.50
N LEU L 33 22.67 -41.09 -10.50
CA LEU L 33 22.69 -41.59 -11.87
C LEU L 33 24.14 -41.88 -12.28
N LYS L 34 25.12 -41.24 -11.64
CA LYS L 34 26.53 -41.46 -11.97
C LYS L 34 27.10 -42.65 -11.18
N GLY L 35 26.33 -43.17 -10.22
CA GLY L 35 26.77 -44.32 -9.42
C GLY L 35 27.30 -43.87 -8.06
N NH2 L 36 27.85 -44.84 -7.32
C ACE M 1 4.95 7.94 -10.87
O ACE M 1 4.28 7.72 -11.82
CH3 ACE M 1 6.13 8.87 -10.91
N GLY M 2 4.75 7.32 -9.72
CA GLY M 2 3.60 6.47 -9.54
C GLY M 2 2.32 7.26 -9.31
N GLU M 3 1.18 6.63 -9.60
CA GLU M 3 -0.10 7.31 -9.59
C GLU M 3 -0.52 7.69 -8.17
N ILE M 4 -0.23 6.84 -7.18
CA ILE M 4 -0.57 7.17 -5.80
C ILE M 4 0.22 8.38 -5.38
N ALA M 5 1.54 8.38 -5.62
CA ALA M 5 2.37 9.52 -5.29
C ALA M 5 1.87 10.79 -6.00
N GLN M 6 1.44 10.66 -7.27
CA GLN M 6 1.02 11.85 -8.00
C GLN M 6 -0.27 12.41 -7.41
N ALA M 7 -1.18 11.52 -6.97
CA ALA M 7 -2.43 11.93 -6.37
C ALA M 7 -2.17 12.58 -5.00
N LEU M 8 -1.20 12.07 -4.23
CA LEU M 8 -0.84 12.72 -2.97
C LEU M 8 -0.27 14.12 -3.22
N LYS M 9 0.54 14.30 -4.27
CA LYS M 9 1.05 15.62 -4.60
C LYS M 9 -0.09 16.58 -4.98
N GLU M 10 -1.14 16.02 -5.60
CA GLU M 10 -2.33 16.80 -5.93
C GLU M 10 -3.06 17.24 -4.66
N ILE M 11 -3.11 16.38 -3.63
CA ILE M 11 -3.67 16.84 -2.35
C ILE M 11 -2.87 18.01 -1.81
N ALA M 12 -1.54 17.86 -1.77
CA ALA M 12 -0.66 18.91 -1.29
C ALA M 12 -0.91 20.23 -1.98
N LYS M 13 -0.95 20.18 -3.32
CA LYS M 13 -1.08 21.38 -4.14
C LYS M 13 -2.46 22.00 -3.95
N ALA M 14 -3.50 21.19 -3.98
CA ALA M 14 -4.85 21.74 -3.97
C ALA M 14 -5.15 22.32 -2.60
N ALA M 15 -4.78 21.59 -1.54
CA ALA M 15 -5.07 22.02 -0.19
C ALA M 15 -4.29 23.29 0.11
N ALA M 16 -3.00 23.34 -0.26
CA ALA M 16 -2.20 24.52 0.02
C ALA M 16 -2.75 25.76 -0.68
N ALA M 17 -3.15 25.60 -1.93
CA ALA M 17 -3.69 26.73 -2.66
C ALA M 17 -5.00 27.25 -2.05
N ALA M 18 -5.89 26.35 -1.63
CA ALA M 18 -7.15 26.76 -1.03
C ALA M 18 -6.94 27.35 0.36
N LEU M 19 -5.99 26.80 1.13
CA LEU M 19 -5.68 27.38 2.42
C LEU M 19 -5.10 28.78 2.26
N LYS M 20 -4.30 29.01 1.21
CA LYS M 20 -3.79 30.35 0.97
C LYS M 20 -4.90 31.33 0.61
N GLU M 21 -5.96 30.86 -0.04
CA GLU M 21 -7.10 31.72 -0.30
C GLU M 21 -7.82 32.11 0.99
N ILE M 22 -7.85 31.18 1.96
CA ILE M 22 -8.37 31.51 3.27
C ILE M 22 -7.52 32.60 3.93
N ALA M 23 -6.21 32.42 3.88
CA ALA M 23 -5.31 33.39 4.46
C ALA M 23 -5.55 34.77 3.83
N TRP M 24 -5.69 34.84 2.50
CA TRP M 24 -5.94 36.12 1.87
C TRP M 24 -7.26 36.73 2.38
N ALA M 25 -8.32 35.94 2.44
CA ALA M 25 -9.62 36.46 2.88
C ALA M 25 -9.47 37.00 4.31
N LEU M 26 -8.70 36.34 5.17
CA LEU M 26 -8.44 36.86 6.52
C LEU M 26 -7.70 38.20 6.50
N LYS M 27 -6.75 38.38 5.57
CA LYS M 27 -6.10 39.65 5.40
C LYS M 27 -7.09 40.70 4.96
N GLU M 28 -8.09 40.31 4.14
CA GLU M 28 -9.13 41.26 3.75
C GLU M 28 -9.94 41.69 4.97
N ILE M 29 -10.22 40.78 5.91
CA ILE M 29 -10.87 41.17 7.17
C ILE M 29 -10.03 42.18 7.96
N ALA M 30 -8.74 41.87 8.14
CA ALA M 30 -7.83 42.79 8.82
C ALA M 30 -7.85 44.18 8.18
N GLN M 31 -7.82 44.22 6.85
CA GLN M 31 -7.79 45.48 6.14
C GLN M 31 -9.10 46.24 6.34
N ALA M 32 -10.24 45.54 6.36
CA ALA M 32 -11.53 46.17 6.61
C ALA M 32 -11.58 46.81 7.98
N LEU M 33 -11.00 46.12 8.97
CA LEU M 33 -10.93 46.59 10.35
C LEU M 33 -10.03 47.83 10.44
N LYS M 34 -8.98 47.89 9.62
CA LYS M 34 -8.06 49.02 9.66
C LYS M 34 -8.76 50.28 9.16
N GLY M 35 -9.66 50.13 8.18
CA GLY M 35 -10.39 51.23 7.58
C GLY M 35 -11.54 51.71 8.48
N NH2 M 36 -11.92 50.89 9.44
C ACE N 1 -6.73 4.08 -12.13
O ACE N 1 -7.82 3.60 -12.17
CH3 ACE N 1 -6.19 4.92 -13.28
N GLY N 2 -5.93 3.92 -11.07
CA GLY N 2 -6.27 3.04 -9.96
C GLY N 2 -7.22 3.68 -8.96
N GLU N 3 -7.90 2.82 -8.23
CA GLU N 3 -8.98 3.23 -7.35
C GLU N 3 -8.47 3.99 -6.12
N ILE N 4 -7.27 3.67 -5.61
CA ILE N 4 -6.73 4.42 -4.48
C ILE N 4 -6.32 5.80 -4.99
N ALA N 5 -5.63 5.88 -6.14
CA ALA N 5 -5.25 7.17 -6.67
C ALA N 5 -6.50 8.03 -6.95
N GLN N 6 -7.58 7.41 -7.46
CA GLN N 6 -8.77 8.20 -7.79
C GLN N 6 -9.43 8.72 -6.50
N ALA N 7 -9.44 7.90 -5.43
CA ALA N 7 -10.02 8.36 -4.18
C ALA N 7 -9.20 9.51 -3.58
N LEU N 8 -7.87 9.46 -3.69
CA LEU N 8 -7.03 10.59 -3.24
C LEU N 8 -7.33 11.85 -4.01
N LYS N 9 -7.53 11.73 -5.32
CA LYS N 9 -7.87 12.85 -6.14
C LYS N 9 -9.21 13.43 -5.70
N GLU N 10 -10.09 12.58 -5.21
CA GLU N 10 -11.39 13.06 -4.75
C GLU N 10 -11.22 13.86 -3.46
N ILE N 11 -10.35 13.39 -2.57
CA ILE N 11 -10.01 14.16 -1.38
C ILE N 11 -9.53 15.55 -1.80
N ALA N 12 -8.63 15.61 -2.80
CA ALA N 12 -8.03 16.86 -3.19
C ALA N 12 -9.10 17.81 -3.72
N LYS N 13 -9.97 17.30 -4.61
CA LYS N 13 -11.02 18.10 -5.22
C LYS N 13 -12.06 18.57 -4.19
N ALA N 14 -12.49 17.67 -3.31
CA ALA N 14 -13.57 17.95 -2.37
C ALA N 14 -13.09 18.92 -1.29
N ALA N 15 -11.90 18.63 -0.72
CA ALA N 15 -11.30 19.51 0.27
C ALA N 15 -11.05 20.91 -0.28
N ALA N 16 -10.48 21.02 -1.48
CA ALA N 16 -10.15 22.31 -2.06
C ALA N 16 -11.41 23.12 -2.31
N ALA N 17 -12.45 22.45 -2.81
CA ALA N 17 -13.69 23.17 -3.11
C ALA N 17 -14.29 23.74 -1.82
N ALA N 18 -14.35 22.93 -0.77
CA ALA N 18 -14.98 23.32 0.48
C ALA N 18 -14.16 24.40 1.18
N LEU N 19 -12.81 24.29 1.09
CA LEU N 19 -11.97 25.34 1.67
C LEU N 19 -12.17 26.66 0.96
N LYS N 20 -12.33 26.64 -0.37
CA LYS N 20 -12.64 27.84 -1.11
C LYS N 20 -13.98 28.43 -0.65
N GLU N 21 -14.98 27.60 -0.33
CA GLU N 21 -16.24 28.11 0.21
C GLU N 21 -16.01 28.91 1.50
N ILE N 22 -15.10 28.38 2.34
CA ILE N 22 -14.73 29.09 3.57
C ILE N 22 -14.08 30.43 3.23
N ALA N 23 -13.17 30.47 2.24
CA ALA N 23 -12.54 31.73 1.84
C ALA N 23 -13.62 32.72 1.40
N TRP N 24 -14.60 32.25 0.61
CA TRP N 24 -15.62 33.16 0.12
C TRP N 24 -16.45 33.73 1.27
N ALA N 25 -16.78 32.91 2.27
CA ALA N 25 -17.56 33.35 3.40
C ALA N 25 -16.76 34.36 4.23
N LEU N 26 -15.44 34.14 4.33
CA LEU N 26 -14.61 35.12 5.02
C LEU N 26 -14.64 36.47 4.29
N LYS N 27 -14.58 36.45 2.94
CA LYS N 27 -14.65 37.67 2.19
C LYS N 27 -16.00 38.40 2.43
N GLU N 28 -17.08 37.66 2.61
CA GLU N 28 -18.37 38.27 2.97
C GLU N 28 -18.28 38.97 4.33
N ILE N 29 -17.54 38.37 5.27
CA ILE N 29 -17.32 39.01 6.57
C ILE N 29 -16.53 40.31 6.38
N ALA N 30 -15.48 40.30 5.55
CA ALA N 30 -14.73 41.51 5.26
C ALA N 30 -15.61 42.62 4.64
N GLN N 31 -16.45 42.25 3.67
CA GLN N 31 -17.42 43.17 3.09
C GLN N 31 -18.40 43.75 4.12
N ALA N 32 -18.94 42.92 5.00
CA ALA N 32 -19.85 43.38 6.05
C ALA N 32 -19.16 44.37 6.98
N LEU N 33 -17.86 44.18 7.26
CA LEU N 33 -17.12 45.08 8.12
C LEU N 33 -16.85 46.41 7.43
N LYS N 34 -16.66 46.38 6.11
CA LYS N 34 -16.44 47.56 5.30
C LYS N 34 -17.71 48.41 5.31
N GLY N 35 -18.86 47.79 5.06
CA GLY N 35 -20.13 48.51 4.97
C GLY N 35 -20.58 49.00 6.34
N NH2 N 36 -21.71 49.71 6.37
C FMT O . 0.84 -19.61 -22.52
O1 FMT O . 0.40 -20.16 -21.53
O2 FMT O . 0.59 -18.29 -22.89
NA NA P . -0.87 40.41 16.48
C1 GOL Q . -13.54 23.44 22.85
O1 GOL Q . -12.64 22.48 22.29
C2 GOL Q . -14.97 22.98 22.71
O2 GOL Q . -15.78 23.54 23.76
C3 GOL Q . -15.51 23.29 21.33
O3 GOL Q . -16.66 22.51 21.00
C FMT R . -2.71 18.49 21.46
O1 FMT R . -2.91 18.06 22.57
O2 FMT R . -3.47 19.45 20.83
N NH4 S . 2.46 31.94 14.15
C1 GOL T . -23.58 23.29 5.65
O1 GOL T . -23.70 22.74 4.34
C2 GOL T . -24.93 23.54 6.29
O2 GOL T . -24.77 24.04 7.62
C3 GOL T . -25.81 24.47 5.45
O3 GOL T . -26.92 24.96 6.19
NA NA U . -8.16 -2.42 0.00
C1 GOL V . -25.50 22.19 19.10
O1 GOL V . -24.98 22.24 20.43
C2 GOL V . -24.58 21.47 18.14
O2 GOL V . -24.36 20.13 18.58
C3 GOL V . -25.11 21.48 16.71
O3 GOL V . -26.38 22.15 16.64
C1 GOL W . -16.27 6.10 9.95
O1 GOL W . -15.70 7.21 9.22
C2 GOL W . -16.03 6.23 11.44
O2 GOL W . -17.23 6.71 12.05
C3 GOL W . -15.55 4.97 12.14
O3 GOL W . -14.44 5.22 13.02
NA NA X . -4.51 -3.29 6.50
C FMT Y . -25.03 24.79 16.74
O1 FMT Y . -24.15 24.26 17.37
O2 FMT Y . -25.35 24.49 15.46
C FMT Z . 3.08 -8.75 -3.48
O1 FMT Z . 2.93 -7.98 -2.56
O2 FMT Z . 3.65 -9.99 -3.35
C FMT AA . -6.02 -23.66 -1.65
O1 FMT AA . -6.73 -22.71 -1.96
O2 FMT AA . -6.44 -24.96 -1.58
N NH4 BA . 1.83 -44.02 -10.36
O22 P33 CA . 8.30 -23.23 -8.31
C21 P33 CA . 8.95 -24.49 -8.18
C20 P33 CA . 9.25 -25.13 -9.49
O19 P33 CA . 9.12 -26.54 -9.38
C18 P33 CA . 9.67 -27.25 -10.49
C17 P33 CA . 10.92 -27.98 -10.06
O16 P33 CA . 10.66 -29.37 -9.87
C15 P33 CA . 10.56 -30.11 -11.08
C14 P33 CA . 11.75 -31.00 -11.22
O13 P33 CA . 11.34 -32.35 -11.42
C12 P33 CA . 12.31 -33.16 -12.09
C11 P33 CA . 12.21 -34.57 -11.65
O10 P33 CA . 13.14 -35.36 -12.38
C9 P33 CA . 12.58 -35.93 -13.56
C8 P33 CA . 12.73 -37.40 -13.52
O7 P33 CA . 14.11 -37.72 -13.38
C6 P33 CA . 14.55 -38.75 -14.25
C5 P33 CA . 13.97 -40.05 -13.80
O4 P33 CA . 14.93 -41.08 -14.03
C3 P33 CA . 15.05 -41.47 -15.39
C2 P33 CA . 14.99 -42.95 -15.46
O1 P33 CA . 16.31 -43.45 -15.69
C1 GOL DA . 16.09 -21.18 -21.89
O1 GOL DA . 15.25 -20.08 -21.57
C2 GOL DA . 17.57 -20.86 -21.84
O2 GOL DA . 18.22 -21.67 -20.84
C3 GOL DA . 18.28 -21.07 -23.16
O3 GOL DA . 19.70 -21.01 -23.05
C1 GOL EA . 25.80 -39.79 -2.15
O1 GOL EA . 26.90 -40.51 -1.58
C2 GOL EA . 24.65 -39.60 -1.17
O2 GOL EA . 25.10 -39.15 0.10
C3 GOL EA . 23.61 -38.61 -1.67
O3 GOL EA . 22.46 -39.27 -2.19
C1 GOL FA . 19.78 -38.09 1.76
O1 GOL FA . 20.50 -37.06 1.10
C2 GOL FA . 19.46 -37.75 3.21
O2 GOL FA . 19.26 -36.33 3.38
C3 GOL FA . 20.50 -38.22 4.21
O3 GOL FA . 21.53 -39.02 3.61
C FMT GA . -6.45 28.32 -4.97
O1 FMT GA . -5.95 29.26 -5.55
O2 FMT GA . -6.87 27.17 -5.56
C FMT HA . -3.64 25.57 -7.71
O1 FMT HA . -4.37 24.64 -7.37
O2 FMT HA . -2.33 25.65 -7.40
NA NA IA . -24.10 36.06 4.56
C FMT JA . -14.40 20.75 -7.60
O1 FMT JA . -14.02 21.87 -7.82
O2 FMT JA . -15.47 20.42 -6.83
C FMT KA . -10.77 28.95 -7.80
O1 FMT KA . -9.92 29.21 -6.97
O2 FMT KA . -12.09 29.22 -7.65
O22 P33 LA . -16.28 43.56 15.86
C21 P33 LA . -15.40 43.00 14.90
C20 P33 LA . -15.32 41.53 15.10
O19 P33 LA . -14.21 41.02 14.38
C18 P33 LA . -13.89 39.67 14.71
C17 P33 LA . -14.85 38.74 14.03
O16 P33 LA . -14.14 37.94 13.10
C15 P33 LA . -13.97 36.59 13.55
C14 P33 LA . -12.91 35.92 12.73
O13 P33 LA . -13.34 34.61 12.38
C12 P33 LA . -12.47 33.94 11.48
C11 P33 LA . -12.07 32.64 12.06
O10 P33 LA . -11.87 31.64 11.05
C9 P33 LA . -10.65 30.92 11.19
C8 P33 LA . -10.95 29.47 11.24
O7 P33 LA . -10.94 28.95 9.91
C6 P33 LA . -10.82 27.54 9.90
C5 P33 LA . -10.05 27.10 8.69
O4 P33 LA . -9.00 26.22 9.08
C3 P33 LA . -9.46 25.01 9.66
C2 P33 LA . -9.66 24.00 8.61
O1 P33 LA . -8.44 23.44 8.18
#